data_3DMH
#
_entry.id   3DMH
#
_cell.length_a   50.863
_cell.length_b   86.234
_cell.length_c   95.091
_cell.angle_alpha   90.00
_cell.angle_beta   90.00
_cell.angle_gamma   90.00
#
_symmetry.space_group_name_H-M   'P 21 21 21'
#
loop_
_entity.id
_entity.type
_entity.pdbx_description
1 polymer 'Probable ribosomal RNA small subunit methyltransferase'
2 non-polymer 'SULFATE ION'
3 non-polymer S-ADENOSYLMETHIONINE
4 non-polymer GUANOSINE
5 water water
#
_entity_poly.entity_id   1
_entity_poly.type   'polypeptide(L)'
_entity_poly.pdbx_seq_one_letter_code
;MSLTREAYHRLTPLPHPGGRLFIKPGARGYRDPVHDLLQKTVEPFGERALDLNPGVGWGSLPLEGRMAVERLETSRAAFR
CLTASGLQARLALPWEAAAGAYDLVVLALPAGRGTAYVQASLVAAARALRMGGRLYLAGDKNKGFERYFKEARALLGYGV
VVRREGPYRVALLEKEKEAPPLPSLWRAFSARILGAEYTFHHLPGVFSAGKVDPASLLLLEALQERLGPEGVRGRQVLDL
GAGYGALTLPLARMGAEVVGVEDDLASVLSLQKGLEANALKAQALHSDVDEALTEEARFDIIVTNPPFHVGGAVILDVAQ
AFVNVAAARLRPGGVFFLVSNPFLKYEPLLEEKFGAFQTLKVAEYKVLFAEKRGRHHHHHH
;
_entity_poly.pdbx_strand_id   A
#
# COMPACT_ATOMS: atom_id res chain seq x y z
N LEU A 3 13.74 -13.92 4.85
CA LEU A 3 14.69 -12.84 5.21
C LEU A 3 14.67 -12.58 6.71
N THR A 4 15.81 -12.16 7.24
CA THR A 4 15.87 -11.59 8.58
C THR A 4 15.15 -10.24 8.56
N ARG A 5 14.88 -9.69 9.74
CA ARG A 5 14.26 -8.36 9.80
C ARG A 5 15.21 -7.32 9.20
N GLU A 6 16.49 -7.38 9.57
CA GLU A 6 17.51 -6.50 8.97
C GLU A 6 17.53 -6.61 7.44
N ALA A 7 17.44 -7.82 6.90
CA ALA A 7 17.40 -8.00 5.44
C ALA A 7 16.12 -7.45 4.80
N TYR A 8 14.98 -7.65 5.47
CA TYR A 8 13.75 -7.04 5.00
C TYR A 8 13.87 -5.51 4.88
N HIS A 9 14.45 -4.87 5.89
CA HIS A 9 14.52 -3.41 5.95
C HIS A 9 15.69 -2.80 5.20
N ARG A 10 16.60 -3.66 4.72
CA ARG A 10 17.82 -3.19 4.08
C ARG A 10 17.55 -2.58 2.72
N LEU A 11 18.18 -1.42 2.45
CA LEU A 11 18.12 -0.77 1.14
C LEU A 11 19.40 -1.13 0.40
N THR A 12 19.26 -1.65 -0.82
CA THR A 12 20.40 -2.16 -1.59
C THR A 12 20.48 -1.39 -2.91
N PRO A 13 21.65 -0.77 -3.21
CA PRO A 13 21.80 -0.06 -4.48
C PRO A 13 22.13 -0.99 -5.63
N LEU A 14 21.36 -0.87 -6.70
CA LEU A 14 21.69 -1.64 -7.91
C LEU A 14 22.18 -0.72 -9.03
N PRO A 15 23.11 -1.22 -9.85
CA PRO A 15 23.69 -0.39 -10.91
C PRO A 15 22.80 -0.22 -12.14
N HIS A 16 22.89 0.96 -12.74
CA HIS A 16 22.43 1.22 -14.13
C HIS A 16 23.44 2.18 -14.75
N PRO A 17 23.49 2.27 -16.08
CA PRO A 17 24.49 3.15 -16.68
C PRO A 17 24.42 4.56 -16.11
N GLY A 18 25.55 5.00 -15.57
CA GLY A 18 25.62 6.35 -15.02
C GLY A 18 25.22 6.56 -13.59
N GLY A 19 24.69 5.54 -12.92
CA GLY A 19 24.25 5.71 -11.55
C GLY A 19 23.86 4.44 -10.83
N ARG A 20 22.99 4.63 -9.85
CA ARG A 20 22.52 3.54 -9.00
C ARG A 20 21.12 3.85 -8.52
N LEU A 21 20.40 2.82 -8.11
CA LEU A 21 19.05 3.00 -7.62
C LEU A 21 18.84 2.03 -6.47
N PHE A 22 18.38 2.53 -5.33
CA PHE A 22 18.10 1.65 -4.20
C PHE A 22 16.78 0.94 -4.34
N ILE A 23 16.80 -0.34 -3.97
CA ILE A 23 15.57 -1.13 -3.90
C ILE A 23 15.52 -1.83 -2.54
N LYS A 24 14.36 -2.38 -2.20
CA LYS A 24 14.28 -3.18 -0.97
C LYS A 24 13.08 -4.11 -1.10
N PRO A 25 13.07 -5.18 -0.28
CA PRO A 25 11.88 -6.03 -0.24
C PRO A 25 10.64 -5.19 0.08
N GLY A 26 9.54 -5.50 -0.61
CA GLY A 26 8.27 -4.79 -0.34
C GLY A 26 8.06 -3.47 -1.06
N ALA A 27 9.04 -3.04 -1.86
CA ALA A 27 8.90 -1.83 -2.66
C ALA A 27 8.56 -2.15 -4.14
N ARG A 28 7.51 -1.51 -4.65
CA ARG A 28 7.08 -1.67 -6.05
C ARG A 28 8.05 -1.03 -7.03
N GLY A 29 8.05 -1.51 -8.27
CA GLY A 29 8.71 -0.79 -9.37
C GLY A 29 10.04 -1.34 -9.82
N TYR A 30 10.46 -2.46 -9.22
CA TYR A 30 11.70 -3.15 -9.57
C TYR A 30 11.37 -4.41 -10.36
N ARG A 31 12.01 -4.56 -11.53
CA ARG A 31 11.79 -5.72 -12.42
C ARG A 31 10.30 -5.88 -12.73
N ASP A 32 9.67 -4.73 -12.98
CA ASP A 32 8.27 -4.66 -13.35
C ASP A 32 8.23 -4.29 -14.83
N PRO A 33 7.63 -5.15 -15.68
CA PRO A 33 7.65 -4.81 -17.11
C PRO A 33 7.02 -3.45 -17.48
N VAL A 34 6.05 -2.97 -16.68
CA VAL A 34 5.42 -1.68 -17.00
C VAL A 34 6.43 -0.56 -16.73
N HIS A 35 7.01 -0.54 -15.53
CA HIS A 35 8.03 0.46 -15.23
C HIS A 35 9.25 0.33 -16.17
N ASP A 36 9.63 -0.90 -16.52
CA ASP A 36 10.78 -1.12 -17.42
C ASP A 36 10.52 -0.53 -18.81
N LEU A 37 9.30 -0.67 -19.30
CA LEU A 37 8.97 -0.15 -20.62
C LEU A 37 8.97 1.38 -20.58
N LEU A 38 8.44 1.96 -19.49
CA LEU A 38 8.57 3.41 -19.32
C LEU A 38 10.01 3.89 -19.36
N GLN A 39 10.92 3.22 -18.64
CA GLN A 39 12.29 3.69 -18.54
C GLN A 39 12.96 3.69 -19.92
N LYS A 40 12.56 2.74 -20.78
CA LYS A 40 13.06 2.68 -22.16
C LYS A 40 12.47 3.73 -23.09
N THR A 41 11.42 4.42 -22.63
CA THR A 41 10.58 5.26 -23.51
C THR A 41 10.61 6.74 -23.17
N VAL A 42 10.58 7.07 -21.88
CA VAL A 42 10.39 8.48 -21.50
C VAL A 42 11.52 9.40 -21.97
N GLU A 43 11.13 10.55 -22.50
CA GLU A 43 12.04 11.58 -22.98
C GLU A 43 11.64 12.91 -22.36
N PRO A 44 12.61 13.79 -22.06
CA PRO A 44 12.26 15.11 -21.54
C PRO A 44 11.31 15.91 -22.42
N PHE A 45 10.43 16.66 -21.76
CA PHE A 45 9.55 17.60 -22.44
C PHE A 45 9.30 18.75 -21.47
N GLY A 46 9.71 19.96 -21.85
CA GLY A 46 9.55 21.11 -20.95
C GLY A 46 10.53 21.02 -19.78
N GLU A 47 10.20 21.67 -18.67
CA GLU A 47 11.13 21.84 -17.56
C GLU A 47 10.74 21.09 -16.30
N ARG A 48 9.45 20.94 -16.06
CA ARG A 48 8.93 20.38 -14.81
C ARG A 48 8.13 19.09 -15.04
N ALA A 49 8.58 18.00 -14.41
CA ALA A 49 7.89 16.71 -14.53
C ALA A 49 7.34 16.24 -13.20
N LEU A 50 6.27 15.45 -13.27
CA LEU A 50 5.68 14.84 -12.07
C LEU A 50 5.48 13.35 -12.33
N ASP A 51 6.01 12.50 -11.44
CA ASP A 51 5.73 11.05 -11.50
C ASP A 51 4.69 10.72 -10.43
N LEU A 52 3.53 10.22 -10.87
CA LEU A 52 2.40 9.96 -9.95
C LEU A 52 2.36 8.56 -9.36
N ASN A 53 3.30 7.69 -9.76
CA ASN A 53 3.33 6.31 -9.22
C ASN A 53 4.73 5.78 -9.37
N PRO A 54 5.69 6.41 -8.68
CA PRO A 54 7.10 6.12 -9.02
C PRO A 54 7.63 4.77 -8.57
N GLY A 55 7.11 4.22 -7.48
CA GLY A 55 7.79 3.04 -6.87
C GLY A 55 9.23 3.43 -6.56
N VAL A 56 10.16 2.55 -6.89
CA VAL A 56 11.59 2.83 -6.64
C VAL A 56 12.17 3.88 -7.61
N GLY A 57 11.37 4.32 -8.59
CA GLY A 57 11.75 5.46 -9.45
C GLY A 57 12.44 5.15 -10.77
N TRP A 58 12.40 3.89 -11.16
CA TRP A 58 13.03 3.47 -12.43
C TRP A 58 12.36 4.03 -13.67
N GLY A 59 11.03 4.03 -13.67
CA GLY A 59 10.28 4.44 -14.87
C GLY A 59 10.55 5.85 -15.36
N SER A 60 10.71 6.81 -14.43
CA SER A 60 10.93 8.19 -14.84
C SER A 60 12.38 8.60 -14.63
N LEU A 61 13.25 7.63 -14.28
CA LEU A 61 14.67 7.98 -14.00
C LEU A 61 15.40 8.69 -15.14
N PRO A 62 15.08 8.36 -16.41
CA PRO A 62 15.77 9.07 -17.50
C PRO A 62 15.59 10.58 -17.48
N LEU A 63 14.54 11.08 -16.82
CA LEU A 63 14.28 12.52 -16.74
C LEU A 63 15.14 13.24 -15.69
N GLU A 64 15.68 12.46 -14.75
CA GLU A 64 16.46 13.04 -13.64
C GLU A 64 17.72 13.71 -14.19
N GLY A 65 17.95 14.94 -13.76
CA GLY A 65 19.13 15.65 -14.27
C GLY A 65 18.94 16.41 -15.57
N ARG A 66 17.88 16.08 -16.31
CA ARG A 66 17.51 16.80 -17.54
C ARG A 66 16.30 17.73 -17.34
N MET A 67 15.50 17.41 -16.32
CA MET A 67 14.27 18.12 -15.98
C MET A 67 14.23 18.20 -14.48
N ALA A 68 13.43 19.11 -13.94
CA ALA A 68 13.07 19.04 -12.52
C ALA A 68 12.00 17.97 -12.40
N VAL A 69 12.22 16.97 -11.56
CA VAL A 69 11.25 15.89 -11.42
C VAL A 69 10.75 15.79 -9.99
N GLU A 70 9.44 15.88 -9.82
CA GLU A 70 8.81 15.65 -8.52
C GLU A 70 8.11 14.29 -8.59
N ARG A 71 7.97 13.65 -7.45
CA ARG A 71 7.40 12.28 -7.39
C ARG A 71 6.45 12.24 -6.23
N LEU A 72 5.23 11.77 -6.46
CA LEU A 72 4.27 11.59 -5.36
C LEU A 72 4.07 10.11 -5.12
N GLU A 73 4.33 9.66 -3.89
CA GLU A 73 4.30 8.23 -3.64
C GLU A 73 3.60 7.92 -2.32
N THR A 74 2.75 6.88 -2.38
CA THR A 74 1.96 6.48 -1.23
C THR A 74 2.61 5.41 -0.35
N SER A 75 3.56 4.65 -0.92
CA SER A 75 4.20 3.57 -0.18
C SER A 75 5.38 4.06 0.61
N ARG A 76 5.36 3.78 1.91
CA ARG A 76 6.48 4.16 2.75
C ARG A 76 7.77 3.46 2.30
N ALA A 77 7.68 2.15 2.02
CA ALA A 77 8.83 1.38 1.55
C ALA A 77 9.44 2.02 0.31
N ALA A 78 8.59 2.43 -0.64
CA ALA A 78 9.12 3.02 -1.87
C ALA A 78 9.77 4.39 -1.60
N PHE A 79 9.16 5.21 -0.73
CA PHE A 79 9.79 6.49 -0.35
C PHE A 79 11.15 6.32 0.35
N ARG A 80 11.32 5.26 1.15
CA ARG A 80 12.64 5.00 1.74
C ARG A 80 13.68 4.81 0.62
N CYS A 81 13.27 4.06 -0.41
CA CYS A 81 14.17 3.84 -1.55
C CYS A 81 14.46 5.11 -2.35
N LEU A 82 13.42 5.86 -2.72
CA LEU A 82 13.63 7.09 -3.48
C LEU A 82 14.60 8.08 -2.79
N THR A 83 14.32 8.41 -1.55
CA THR A 83 15.13 9.21 -0.68
C THR A 83 16.58 8.71 -0.62
N ALA A 84 16.77 7.40 -0.41
CA ALA A 84 18.13 6.82 -0.40
C ALA A 84 18.85 7.07 -1.72
N SER A 85 18.08 7.01 -2.82
CA SER A 85 18.60 7.25 -4.16
C SER A 85 18.83 8.74 -4.50
N GLY A 86 18.49 9.62 -3.55
CA GLY A 86 18.61 11.07 -3.75
C GLY A 86 17.59 11.63 -4.72
N LEU A 87 16.43 10.97 -4.82
CA LEU A 87 15.39 11.38 -5.78
C LEU A 87 14.30 12.09 -5.01
N GLN A 88 14.01 13.35 -5.38
CA GLN A 88 12.96 14.13 -4.71
C GLN A 88 11.68 13.32 -4.77
N ALA A 89 11.01 13.22 -3.63
CA ALA A 89 9.78 12.46 -3.56
C ALA A 89 9.03 12.92 -2.35
N ARG A 90 7.71 12.97 -2.48
CA ARG A 90 6.86 13.34 -1.34
C ARG A 90 5.93 12.22 -1.00
N LEU A 91 5.63 12.12 0.29
CA LEU A 91 4.60 11.23 0.78
C LEU A 91 3.26 11.88 0.43
N ALA A 92 2.64 11.37 -0.62
CA ALA A 92 1.49 12.09 -1.20
C ALA A 92 0.62 11.21 -2.05
N LEU A 93 -0.67 11.49 -2.01
CA LEU A 93 -1.60 10.86 -2.92
C LEU A 93 -1.49 11.51 -4.29
N PRO A 94 -1.81 10.74 -5.35
CA PRO A 94 -1.66 11.29 -6.70
C PRO A 94 -2.48 12.56 -6.88
N TRP A 95 -3.68 12.58 -6.31
CA TRP A 95 -4.56 13.73 -6.43
C TRP A 95 -4.23 14.92 -5.51
N GLU A 96 -3.11 14.82 -4.81
CA GLU A 96 -2.58 15.96 -4.08
C GLU A 96 -1.65 16.80 -4.96
N ALA A 97 -1.49 16.39 -6.22
CA ALA A 97 -0.64 17.12 -7.16
C ALA A 97 -1.10 18.56 -7.36
N ALA A 98 -0.13 19.47 -7.42
CA ALA A 98 -0.38 20.88 -7.72
C ALA A 98 -0.99 21.05 -9.12
N ALA A 99 -2.07 21.82 -9.22
CA ALA A 99 -2.74 21.97 -10.50
C ALA A 99 -1.97 22.93 -11.44
N GLY A 100 -1.83 22.49 -12.70
CA GLY A 100 -1.30 23.34 -13.80
C GLY A 100 0.17 23.70 -13.71
N ALA A 101 0.92 22.93 -12.93
CA ALA A 101 2.27 23.31 -12.54
C ALA A 101 3.35 22.48 -13.22
N TYR A 102 2.95 21.58 -14.12
CA TYR A 102 3.90 20.64 -14.74
C TYR A 102 3.77 20.60 -16.23
N ASP A 103 4.90 20.36 -16.90
CA ASP A 103 4.93 20.21 -18.34
C ASP A 103 4.78 18.74 -18.79
N LEU A 104 5.17 17.82 -17.90
CA LEU A 104 5.17 16.40 -18.21
C LEU A 104 4.75 15.60 -17.01
N VAL A 105 3.89 14.61 -17.21
CA VAL A 105 3.52 13.67 -16.14
C VAL A 105 3.86 12.26 -16.58
N VAL A 106 4.35 11.45 -15.64
CA VAL A 106 4.61 10.04 -15.87
C VAL A 106 3.69 9.23 -14.97
N LEU A 107 2.91 8.32 -15.55
CA LEU A 107 2.01 7.48 -14.75
C LEU A 107 2.02 6.05 -15.24
N ALA A 108 2.73 5.20 -14.49
CA ALA A 108 2.51 3.76 -14.58
C ALA A 108 1.14 3.48 -13.95
N LEU A 109 0.22 2.94 -14.73
CA LEU A 109 -1.13 2.70 -14.23
C LEU A 109 -1.15 1.81 -12.99
N PRO A 110 -1.70 2.34 -11.88
CA PRO A 110 -1.79 1.55 -10.65
C PRO A 110 -2.99 0.59 -10.68
N ALA A 111 -3.00 -0.30 -11.68
CA ALA A 111 -4.19 -1.10 -11.99
C ALA A 111 -4.58 -2.01 -10.83
N GLY A 112 -3.58 -2.46 -10.07
CA GLY A 112 -3.84 -3.38 -8.95
C GLY A 112 -4.64 -2.76 -7.83
N ARG A 113 -4.67 -1.43 -7.78
CA ARG A 113 -5.48 -0.71 -6.80
C ARG A 113 -6.92 -0.40 -7.27
N GLY A 114 -7.28 -0.81 -8.49
CA GLY A 114 -8.66 -0.74 -8.97
C GLY A 114 -9.07 0.51 -9.72
N THR A 115 -10.26 0.45 -10.33
CA THR A 115 -10.75 1.50 -11.23
C THR A 115 -10.80 2.89 -10.62
N ALA A 116 -11.33 3.00 -9.40
CA ALA A 116 -11.50 4.30 -8.74
C ALA A 116 -10.14 4.96 -8.53
N TYR A 117 -9.17 4.18 -8.05
CA TYR A 117 -7.84 4.72 -7.79
C TYR A 117 -7.15 5.15 -9.08
N VAL A 118 -7.31 4.35 -10.13
CA VAL A 118 -6.73 4.68 -11.43
C VAL A 118 -7.40 5.95 -11.95
N GLN A 119 -8.74 6.04 -11.84
CA GLN A 119 -9.44 7.20 -12.37
C GLN A 119 -9.01 8.49 -11.69
N ALA A 120 -8.87 8.43 -10.37
CA ALA A 120 -8.42 9.57 -9.58
C ALA A 120 -7.02 9.98 -10.03
N SER A 121 -6.20 8.97 -10.31
CA SER A 121 -4.82 9.21 -10.80
C SER A 121 -4.79 9.86 -12.18
N LEU A 122 -5.69 9.40 -13.06
CA LEU A 122 -5.82 9.98 -14.40
C LEU A 122 -6.25 11.44 -14.34
N VAL A 123 -7.25 11.73 -13.51
CA VAL A 123 -7.70 13.11 -13.35
C VAL A 123 -6.62 13.98 -12.70
N ALA A 124 -5.92 13.45 -11.69
CA ALA A 124 -4.82 14.19 -11.08
C ALA A 124 -3.78 14.55 -12.14
N ALA A 125 -3.50 13.60 -13.04
CA ALA A 125 -2.51 13.84 -14.11
C ALA A 125 -2.97 14.97 -15.02
N ALA A 126 -4.23 14.91 -15.44
CA ALA A 126 -4.82 15.94 -16.30
C ALA A 126 -4.79 17.33 -15.63
N ARG A 127 -5.11 17.37 -14.34
CA ARG A 127 -5.09 18.61 -13.57
C ARG A 127 -3.68 19.16 -13.35
N ALA A 128 -2.70 18.27 -13.14
CA ALA A 128 -1.33 18.69 -12.88
C ALA A 128 -0.67 19.39 -14.05
N LEU A 129 -1.06 18.99 -15.26
CA LEU A 129 -0.47 19.51 -16.48
C LEU A 129 -0.93 20.93 -16.80
N ARG A 130 -0.02 21.76 -17.26
CA ARG A 130 -0.37 23.00 -17.94
C ARG A 130 -1.05 22.65 -19.26
N MET A 131 -1.75 23.60 -19.85
CA MET A 131 -2.26 23.38 -21.20
C MET A 131 -1.09 23.10 -22.14
N GLY A 132 -1.23 22.07 -22.97
CA GLY A 132 -0.15 21.70 -23.89
C GLY A 132 0.90 20.76 -23.30
N GLY A 133 0.76 20.48 -22.01
CA GLY A 133 1.62 19.49 -21.31
C GLY A 133 1.38 18.10 -21.83
N ARG A 134 2.26 17.15 -21.47
CA ARG A 134 2.14 15.79 -21.98
C ARG A 134 2.16 14.73 -20.87
N LEU A 135 1.54 13.59 -21.16
CA LEU A 135 1.43 12.49 -20.19
C LEU A 135 1.96 11.21 -20.82
N TYR A 136 2.93 10.59 -20.16
CA TYR A 136 3.34 9.23 -20.50
C TYR A 136 2.52 8.30 -19.64
N LEU A 137 1.75 7.43 -20.28
CA LEU A 137 0.85 6.52 -19.59
C LEU A 137 1.27 5.10 -19.91
N ALA A 138 1.61 4.31 -18.88
CA ALA A 138 2.09 2.95 -19.16
C ALA A 138 1.24 1.92 -18.44
N GLY A 139 1.10 0.74 -19.05
CA GLY A 139 0.36 -0.31 -18.37
C GLY A 139 0.36 -1.62 -19.14
N ASP A 140 -0.69 -2.39 -18.89
CA ASP A 140 -0.77 -3.80 -19.28
C ASP A 140 -2.13 -4.04 -19.91
N LYS A 141 -2.16 -4.53 -21.15
CA LYS A 141 -3.43 -4.80 -21.78
C LYS A 141 -4.25 -5.86 -21.04
N ASN A 142 -3.59 -6.73 -20.29
CA ASN A 142 -4.26 -7.70 -19.42
C ASN A 142 -4.76 -7.08 -18.12
N LYS A 143 -4.39 -5.83 -17.89
CA LYS A 143 -4.80 -5.12 -16.67
C LYS A 143 -5.35 -3.73 -17.00
N GLY A 144 -6.26 -3.68 -17.97
CA GLY A 144 -7.05 -2.50 -18.26
C GLY A 144 -6.43 -1.37 -19.09
N PHE A 145 -5.24 -1.60 -19.65
CA PHE A 145 -4.58 -0.51 -20.41
C PHE A 145 -5.48 0.15 -21.47
N GLU A 146 -6.19 -0.65 -22.25
CA GLU A 146 -6.97 -0.07 -23.33
C GLU A 146 -8.09 0.80 -22.79
N ARG A 147 -8.76 0.34 -21.73
CA ARG A 147 -9.82 1.11 -21.06
C ARG A 147 -9.29 2.42 -20.48
N TYR A 148 -8.15 2.34 -19.80
CA TYR A 148 -7.59 3.52 -19.14
C TYR A 148 -7.00 4.51 -20.14
N PHE A 149 -6.39 4.00 -21.19
CA PHE A 149 -5.86 4.81 -22.28
C PHE A 149 -6.98 5.55 -23.02
N LYS A 150 -8.11 4.86 -23.24
CA LYS A 150 -9.29 5.49 -23.84
C LYS A 150 -9.80 6.64 -22.96
N GLU A 151 -9.82 6.42 -21.65
CA GLU A 151 -10.24 7.45 -20.70
C GLU A 151 -9.24 8.62 -20.67
N ALA A 152 -7.95 8.32 -20.68
CA ALA A 152 -6.92 9.35 -20.74
C ALA A 152 -7.08 10.23 -21.99
N ARG A 153 -7.34 9.59 -23.13
CA ARG A 153 -7.53 10.31 -24.38
C ARG A 153 -8.75 11.22 -24.31
N ALA A 154 -9.82 10.74 -23.68
CA ALA A 154 -11.03 11.54 -23.47
C ALA A 154 -10.77 12.71 -22.53
N LEU A 155 -9.93 12.48 -21.52
CA LEU A 155 -9.62 13.53 -20.54
C LEU A 155 -8.73 14.64 -21.10
N LEU A 156 -7.80 14.27 -21.99
CA LEU A 156 -6.70 15.15 -22.44
C LEU A 156 -6.76 15.65 -23.88
N GLY A 157 -6.84 14.70 -24.83
CA GLY A 157 -6.69 14.97 -26.29
C GLY A 157 -5.96 13.85 -27.04
N TYR A 158 -5.11 14.22 -28.01
CA TYR A 158 -4.38 13.24 -28.83
C TYR A 158 -3.52 12.35 -27.95
N GLY A 159 -3.70 11.05 -28.12
CA GLY A 159 -2.85 10.07 -27.47
C GLY A 159 -2.51 9.02 -28.48
N VAL A 160 -1.29 8.52 -28.38
CA VAL A 160 -0.81 7.45 -29.25
C VAL A 160 0.15 6.54 -28.47
N VAL A 161 0.08 5.24 -28.73
CA VAL A 161 1.06 4.29 -28.23
C VAL A 161 2.43 4.55 -28.83
N VAL A 162 3.42 4.74 -27.96
CA VAL A 162 4.79 5.00 -28.38
C VAL A 162 5.78 3.86 -28.06
N ARG A 163 5.30 2.80 -27.40
CA ARG A 163 6.13 1.61 -27.19
C ARG A 163 5.26 0.39 -26.86
N ARG A 164 5.67 -0.76 -27.37
CA ARG A 164 4.93 -2.03 -27.23
C ARG A 164 5.93 -3.13 -26.92
N GLU A 165 5.59 -3.99 -25.96
CA GLU A 165 6.40 -5.16 -25.64
C GLU A 165 5.46 -6.18 -25.04
N GLY A 166 5.10 -7.20 -25.83
CA GLY A 166 4.11 -8.17 -25.37
C GLY A 166 2.79 -7.46 -25.10
N PRO A 167 2.22 -7.66 -23.89
CA PRO A 167 0.97 -6.99 -23.50
C PRO A 167 1.23 -5.59 -22.92
N TYR A 168 2.50 -5.22 -22.75
CA TYR A 168 2.84 -3.96 -22.07
C TYR A 168 2.91 -2.82 -23.05
N ARG A 169 2.43 -1.65 -22.61
CA ARG A 169 2.30 -0.48 -23.49
C ARG A 169 2.76 0.77 -22.78
N VAL A 170 3.33 1.69 -23.54
CA VAL A 170 3.47 3.10 -23.14
C VAL A 170 2.82 3.96 -24.21
N ALA A 171 1.97 4.88 -23.77
CA ALA A 171 1.40 5.90 -24.63
C ALA A 171 1.83 7.29 -24.23
N LEU A 172 1.80 8.20 -25.20
CA LEU A 172 2.06 9.62 -24.96
C LEU A 172 0.82 10.41 -25.35
N LEU A 173 0.40 11.31 -24.45
CA LEU A 173 -0.78 12.14 -24.67
C LEU A 173 -0.52 13.62 -24.41
N GLU A 174 -1.36 14.47 -25.04
CA GLU A 174 -1.24 15.93 -24.93
C GLU A 174 -2.51 16.52 -24.28
N LYS A 175 -2.32 17.42 -23.32
CA LYS A 175 -3.46 18.16 -22.74
C LYS A 175 -3.91 19.22 -23.74
N GLU A 176 -5.09 19.02 -24.29
CA GLU A 176 -5.64 19.93 -25.31
C GLU A 176 -6.93 20.60 -24.81
N LYS A 177 -7.41 20.13 -23.66
CA LYS A 177 -8.65 20.58 -23.08
C LYS A 177 -8.55 20.74 -21.56
N GLU A 178 -9.49 21.46 -20.99
CA GLU A 178 -9.53 21.72 -19.56
C GLU A 178 -9.81 20.44 -18.78
N ALA A 179 -9.06 20.23 -17.70
CA ALA A 179 -9.27 19.10 -16.82
C ALA A 179 -10.55 19.28 -15.99
N PRO A 180 -11.29 18.18 -15.75
CA PRO A 180 -12.46 18.24 -14.87
C PRO A 180 -12.06 18.35 -13.39
N PRO A 181 -13.06 18.54 -12.51
CA PRO A 181 -12.79 18.44 -11.07
C PRO A 181 -12.43 17.00 -10.72
N LEU A 182 -11.74 16.82 -9.58
CA LEU A 182 -11.50 15.48 -9.07
C LEU A 182 -12.83 14.79 -8.81
N PRO A 183 -12.89 13.48 -9.05
CA PRO A 183 -14.09 12.74 -8.65
C PRO A 183 -14.20 12.69 -7.13
N SER A 184 -15.39 12.37 -6.62
CA SER A 184 -15.59 12.13 -5.20
C SER A 184 -14.74 10.94 -4.82
N LEU A 185 -14.00 11.07 -3.71
CA LEU A 185 -13.00 10.06 -3.38
C LEU A 185 -13.33 9.20 -2.17
N TRP A 186 -14.07 9.78 -1.22
CA TRP A 186 -14.35 9.08 0.01
C TRP A 186 -15.60 8.23 -0.08
N ARG A 187 -15.50 7.02 0.45
CA ARG A 187 -16.64 6.15 0.62
C ARG A 187 -16.76 5.77 2.10
N ALA A 188 -17.98 5.44 2.52
CA ALA A 188 -18.21 4.95 3.88
C ALA A 188 -19.17 3.79 3.82
N PHE A 189 -19.05 2.88 4.78
CA PHE A 189 -20.02 1.80 4.94
C PHE A 189 -20.09 1.39 6.40
N SER A 190 -21.23 0.86 6.84
CA SER A 190 -21.33 0.43 8.22
C SER A 190 -21.30 -1.10 8.33
N ALA A 191 -20.80 -1.59 9.46
CA ALA A 191 -20.74 -3.02 9.74
C ALA A 191 -20.93 -3.27 11.23
N ARG A 192 -21.54 -4.40 11.57
CA ARG A 192 -21.65 -4.79 12.95
C ARG A 192 -20.61 -5.86 13.24
N ILE A 193 -19.75 -5.59 14.20
CA ILE A 193 -18.65 -6.48 14.55
C ILE A 193 -18.69 -6.79 16.04
N LEU A 194 -18.79 -8.07 16.36
CA LEU A 194 -18.82 -8.55 17.75
C LEU A 194 -19.80 -7.75 18.62
N GLY A 195 -21.00 -7.52 18.09
CA GLY A 195 -22.07 -6.85 18.84
C GLY A 195 -22.02 -5.33 18.90
N ALA A 196 -21.19 -4.71 18.07
CA ALA A 196 -21.03 -3.25 18.06
C ALA A 196 -21.00 -2.71 16.63
N GLU A 197 -21.53 -1.49 16.47
CA GLU A 197 -21.64 -0.86 15.16
C GLU A 197 -20.45 0.01 14.85
N TYR A 198 -19.91 -0.16 13.64
CA TYR A 198 -18.80 0.66 13.13
C TYR A 198 -19.15 1.25 11.78
N THR A 199 -18.71 2.48 11.54
CA THR A 199 -18.78 3.06 10.20
C THR A 199 -17.36 3.28 9.73
N PHE A 200 -16.96 2.50 8.74
CA PHE A 200 -15.64 2.64 8.14
C PHE A 200 -15.64 3.66 7.01
N HIS A 201 -14.51 4.33 6.84
CA HIS A 201 -14.33 5.39 5.86
C HIS A 201 -13.05 5.09 5.14
N HIS A 202 -13.09 5.19 3.83
CA HIS A 202 -11.87 4.95 3.07
C HIS A 202 -11.81 5.64 1.72
N LEU A 203 -10.56 5.88 1.32
CA LEU A 203 -10.23 6.39 -0.01
C LEU A 203 -10.12 5.23 -1.00
N PRO A 204 -9.96 5.54 -2.31
CA PRO A 204 -9.84 4.45 -3.27
C PRO A 204 -8.57 3.62 -3.08
N GLY A 205 -8.67 2.35 -3.45
CA GLY A 205 -7.50 1.48 -3.59
C GLY A 205 -7.19 0.63 -2.37
N VAL A 206 -7.88 0.90 -1.28
CA VAL A 206 -7.64 0.15 -0.03
C VAL A 206 -8.03 -1.31 -0.19
N PHE A 207 -7.42 -2.16 0.64
CA PHE A 207 -7.85 -3.56 0.68
C PHE A 207 -9.28 -3.65 1.20
N SER A 208 -10.08 -4.48 0.53
CA SER A 208 -11.45 -4.76 0.96
C SER A 208 -12.33 -3.53 1.10
N ALA A 209 -12.33 -2.70 0.06
CA ALA A 209 -13.20 -1.54 -0.02
C ALA A 209 -14.66 -1.98 0.13
N GLY A 210 -15.44 -1.21 0.89
CA GLY A 210 -16.91 -1.36 0.88
C GLY A 210 -17.49 -2.43 1.80
N LYS A 211 -16.65 -3.28 2.37
CA LYS A 211 -17.10 -4.34 3.28
C LYS A 211 -15.94 -4.91 4.09
N VAL A 212 -16.25 -5.41 5.28
CA VAL A 212 -15.22 -6.03 6.12
C VAL A 212 -14.84 -7.40 5.55
N ASP A 213 -13.54 -7.61 5.35
CA ASP A 213 -13.02 -8.92 4.92
C ASP A 213 -13.50 -10.00 5.89
N PRO A 214 -14.18 -11.05 5.38
CA PRO A 214 -14.57 -12.17 6.24
C PRO A 214 -13.38 -12.75 7.04
N ALA A 215 -12.16 -12.68 6.50
CA ALA A 215 -11.00 -13.18 7.22
C ALA A 215 -10.73 -12.36 8.49
N SER A 216 -10.89 -11.04 8.36
CA SER A 216 -10.70 -10.14 9.50
C SER A 216 -11.75 -10.42 10.59
N LEU A 217 -13.01 -10.61 10.18
CA LEU A 217 -14.07 -11.01 11.11
C LEU A 217 -13.70 -12.31 11.83
N LEU A 218 -13.20 -13.28 11.08
CA LEU A 218 -12.81 -14.57 11.67
C LEU A 218 -11.69 -14.45 12.70
N LEU A 219 -10.70 -13.60 12.42
CA LEU A 219 -9.63 -13.36 13.37
C LEU A 219 -10.19 -12.78 14.65
N LEU A 220 -11.07 -11.78 14.52
CA LEU A 220 -11.65 -11.11 15.70
C LEU A 220 -12.52 -12.07 16.52
N GLU A 221 -13.28 -12.92 15.84
CA GLU A 221 -14.07 -13.96 16.53
C GLU A 221 -13.17 -14.91 17.30
N ALA A 222 -12.08 -15.36 16.67
CA ALA A 222 -11.14 -16.27 17.31
C ALA A 222 -10.48 -15.59 18.51
N LEU A 223 -10.12 -14.32 18.32
CA LEU A 223 -9.49 -13.52 19.36
C LEU A 223 -10.40 -13.37 20.57
N GLN A 224 -11.65 -12.95 20.33
CA GLN A 224 -12.59 -12.76 21.44
C GLN A 224 -12.90 -14.07 22.16
N GLU A 225 -12.97 -15.17 21.41
CA GLU A 225 -13.25 -16.48 22.03
C GLU A 225 -12.08 -16.93 22.91
N ARG A 226 -10.87 -16.66 22.44
CA ARG A 226 -9.65 -17.04 23.14
C ARG A 226 -9.39 -16.19 24.38
N LEU A 227 -9.52 -14.86 24.24
CA LEU A 227 -9.14 -13.92 25.30
C LEU A 227 -10.32 -13.40 26.14
N GLY A 228 -11.54 -13.56 25.63
CA GLY A 228 -12.73 -13.01 26.29
C GLY A 228 -12.96 -11.56 25.91
N PRO A 229 -14.20 -11.05 26.08
CA PRO A 229 -14.57 -9.67 25.76
C PRO A 229 -13.69 -8.61 26.43
N GLU A 230 -13.13 -8.94 27.60
CA GLU A 230 -12.32 -8.00 28.38
C GLU A 230 -10.81 -8.25 28.29
N GLY A 231 -10.41 -9.32 27.59
CA GLY A 231 -8.99 -9.76 27.56
C GLY A 231 -8.10 -8.88 26.71
N VAL A 232 -8.70 -7.81 26.18
CA VAL A 232 -7.98 -6.86 25.35
C VAL A 232 -7.87 -5.48 26.02
N ARG A 233 -8.78 -5.18 26.95
CA ARG A 233 -8.76 -3.88 27.62
C ARG A 233 -7.42 -3.59 28.29
N GLY A 234 -6.90 -2.39 28.04
CA GLY A 234 -5.66 -1.93 28.66
C GLY A 234 -4.37 -2.55 28.11
N ARG A 235 -4.51 -3.44 27.12
CA ARG A 235 -3.36 -4.11 26.49
C ARG A 235 -2.85 -3.27 25.32
N GLN A 236 -1.54 -3.37 25.09
CA GLN A 236 -0.89 -2.74 23.94
C GLN A 236 -0.95 -3.67 22.74
N VAL A 237 -1.58 -3.21 21.67
CA VAL A 237 -1.83 -4.04 20.48
C VAL A 237 -1.12 -3.40 19.30
N LEU A 238 -0.44 -4.21 18.50
CA LEU A 238 0.09 -3.78 17.21
C LEU A 238 -0.72 -4.49 16.13
N ASP A 239 -1.25 -3.70 15.18
CA ASP A 239 -2.00 -4.24 14.04
C ASP A 239 -1.08 -4.10 12.83
N LEU A 240 -0.53 -5.22 12.35
CA LEU A 240 0.41 -5.20 11.21
C LEU A 240 -0.37 -5.18 9.91
N GLY A 241 -0.29 -4.05 9.20
CA GLY A 241 -1.01 -3.88 7.96
C GLY A 241 -2.43 -3.48 8.27
N ALA A 242 -2.60 -2.35 8.95
CA ALA A 242 -3.90 -2.02 9.57
C ALA A 242 -5.01 -1.67 8.57
N GLY A 243 -4.66 -1.28 7.35
CA GLY A 243 -5.68 -0.90 6.38
C GLY A 243 -6.57 0.23 6.87
N TYR A 244 -7.85 0.24 6.48
CA TYR A 244 -8.78 1.27 7.01
C TYR A 244 -9.31 0.96 8.42
N GLY A 245 -8.84 -0.14 9.02
CA GLY A 245 -9.12 -0.41 10.42
C GLY A 245 -10.09 -1.49 10.80
N ALA A 246 -10.28 -2.49 9.94
CA ALA A 246 -11.21 -3.60 10.27
C ALA A 246 -10.86 -4.29 11.59
N LEU A 247 -9.56 -4.45 11.89
CA LEU A 247 -9.12 -4.98 13.19
C LEU A 247 -8.91 -3.86 14.23
N THR A 248 -8.36 -2.74 13.75
CA THR A 248 -7.96 -1.63 14.60
C THR A 248 -9.12 -1.02 15.37
N LEU A 249 -10.21 -0.73 14.69
CA LEU A 249 -11.34 -0.05 15.33
C LEU A 249 -11.99 -0.89 16.43
N PRO A 250 -12.36 -2.17 16.10
CA PRO A 250 -12.92 -3.02 17.16
C PRO A 250 -11.98 -3.20 18.35
N LEU A 251 -10.69 -3.43 18.10
CA LEU A 251 -9.76 -3.58 19.22
C LEU A 251 -9.64 -2.31 20.08
N ALA A 252 -9.71 -1.14 19.45
CA ALA A 252 -9.72 0.13 20.18
C ALA A 252 -11.00 0.27 20.98
N ARG A 253 -12.12 -0.12 20.35
CA ARG A 253 -13.42 -0.09 21.02
C ARG A 253 -13.44 -1.01 22.25
N MET A 254 -12.74 -2.12 22.15
CA MET A 254 -12.61 -3.08 23.26
C MET A 254 -11.65 -2.61 24.35
N GLY A 255 -11.05 -1.43 24.17
CA GLY A 255 -10.23 -0.80 25.22
C GLY A 255 -8.74 -1.03 25.12
N ALA A 256 -8.30 -1.61 24.01
CA ALA A 256 -6.87 -1.80 23.75
C ALA A 256 -6.23 -0.47 23.41
N GLU A 257 -4.94 -0.35 23.70
N GLU A 257 -4.94 -0.34 23.75
CA GLU A 257 -4.13 0.78 23.24
CA GLU A 257 -4.10 0.73 23.23
C GLU A 257 -3.41 0.36 21.95
C GLU A 257 -3.50 0.21 21.93
N VAL A 258 -4.01 0.71 20.82
CA VAL A 258 -3.66 0.14 19.51
C VAL A 258 -2.74 1.05 18.71
N VAL A 259 -1.72 0.42 18.12
CA VAL A 259 -0.85 1.04 17.14
C VAL A 259 -1.07 0.28 15.84
N GLY A 260 -1.48 0.98 14.78
CA GLY A 260 -1.63 0.37 13.44
C GLY A 260 -0.44 0.82 12.63
N VAL A 261 0.20 -0.12 11.94
CA VAL A 261 1.24 0.21 10.96
C VAL A 261 0.74 -0.19 9.60
N GLU A 262 0.96 0.70 8.63
CA GLU A 262 0.37 0.53 7.30
C GLU A 262 1.27 1.24 6.29
N ASP A 263 1.68 0.55 5.22
CA ASP A 263 2.64 1.11 4.28
C ASP A 263 1.98 2.09 3.31
N ASP A 264 0.67 1.94 3.10
CA ASP A 264 -0.02 2.73 2.09
C ASP A 264 -0.68 3.99 2.68
N LEU A 265 -0.24 5.17 2.22
CA LEU A 265 -0.78 6.42 2.69
C LEU A 265 -2.30 6.52 2.60
N ALA A 266 -2.87 6.07 1.49
CA ALA A 266 -4.35 6.18 1.34
C ALA A 266 -5.04 5.40 2.48
N SER A 267 -4.47 4.25 2.83
CA SER A 267 -4.99 3.42 3.89
C SER A 267 -4.81 4.06 5.27
N VAL A 268 -3.65 4.68 5.50
CA VAL A 268 -3.41 5.40 6.75
C VAL A 268 -4.45 6.49 6.95
N LEU A 269 -4.70 7.28 5.91
CA LEU A 269 -5.67 8.38 6.01
C LEU A 269 -7.08 7.85 6.22
N SER A 270 -7.36 6.71 5.60
CA SER A 270 -8.65 6.02 5.80
C SER A 270 -8.86 5.61 7.25
N LEU A 271 -7.85 4.95 7.83
CA LEU A 271 -7.90 4.60 9.24
C LEU A 271 -8.11 5.83 10.13
N GLN A 272 -7.40 6.91 9.84
CA GLN A 272 -7.51 8.13 10.67
C GLN A 272 -8.94 8.67 10.63
N LYS A 273 -9.55 8.69 9.46
CA LYS A 273 -10.92 9.20 9.33
C LYS A 273 -11.90 8.28 10.04
N GLY A 274 -11.69 6.96 9.92
CA GLY A 274 -12.57 6.01 10.61
C GLY A 274 -12.48 6.12 12.13
N LEU A 275 -11.27 6.24 12.67
CA LEU A 275 -11.10 6.43 14.13
C LEU A 275 -11.84 7.67 14.62
N GLU A 276 -11.72 8.76 13.88
CA GLU A 276 -12.38 10.03 14.22
C GLU A 276 -13.90 9.89 14.18
N ALA A 277 -14.39 9.24 13.12
CA ALA A 277 -15.83 9.10 12.90
C ALA A 277 -16.51 8.24 13.96
N ASN A 278 -15.73 7.35 14.58
CA ASN A 278 -16.26 6.41 15.57
C ASN A 278 -15.95 6.78 17.04
N ALA A 279 -15.46 8.03 17.29
CA ALA A 279 -15.10 8.47 18.67
C ALA A 279 -14.11 7.55 19.35
N LEU A 280 -13.12 7.13 18.54
CA LEU A 280 -12.05 6.15 18.95
C LEU A 280 -10.62 6.68 18.77
N LYS A 281 -9.70 6.24 19.63
CA LYS A 281 -8.30 6.69 19.57
C LYS A 281 -7.35 5.53 19.31
N ALA A 282 -6.45 5.73 18.36
CA ALA A 282 -5.36 4.80 18.08
C ALA A 282 -4.28 5.53 17.29
N GLN A 283 -3.07 4.98 17.28
CA GLN A 283 -2.00 5.53 16.50
C GLN A 283 -2.06 4.90 15.14
N ALA A 284 -2.17 5.72 14.12
CA ALA A 284 -2.29 5.25 12.75
C ALA A 284 -1.03 5.65 12.02
N LEU A 285 -0.06 4.74 11.99
CA LEU A 285 1.27 5.09 11.50
C LEU A 285 1.46 4.67 10.08
N HIS A 286 2.07 5.57 9.32
CA HIS A 286 2.49 5.28 7.97
C HIS A 286 3.90 4.70 8.09
N SER A 287 4.02 3.40 7.82
CA SER A 287 5.20 2.66 8.20
C SER A 287 5.37 1.44 7.29
N ASP A 288 6.62 1.16 6.94
CA ASP A 288 6.98 -0.08 6.24
C ASP A 288 7.20 -1.12 7.36
N VAL A 289 6.22 -1.99 7.55
CA VAL A 289 6.20 -2.93 8.69
C VAL A 289 6.43 -2.11 9.97
N ASP A 290 7.45 -2.43 10.76
CA ASP A 290 7.67 -1.70 12.02
C ASP A 290 8.69 -0.58 11.93
N GLU A 291 8.97 -0.12 10.71
CA GLU A 291 9.99 0.91 10.50
C GLU A 291 9.76 2.16 11.34
N ALA A 292 8.48 2.51 11.53
CA ALA A 292 8.12 3.75 12.26
C ALA A 292 8.28 3.64 13.78
N LEU A 293 8.41 2.42 14.29
CA LEU A 293 8.44 2.22 15.75
C LEU A 293 9.83 2.46 16.29
N THR A 294 9.91 2.74 17.59
CA THR A 294 11.20 2.81 18.24
C THR A 294 11.76 1.40 18.28
N GLU A 295 13.07 1.29 18.44
CA GLU A 295 13.71 0.00 18.63
C GLU A 295 13.09 -0.77 19.81
N GLU A 296 12.72 -0.04 20.85
CA GLU A 296 12.30 -0.64 22.13
C GLU A 296 10.83 -1.06 22.24
N ALA A 297 9.98 -0.56 21.34
CA ALA A 297 8.53 -0.77 21.49
C ALA A 297 8.18 -2.26 21.50
N ARG A 298 7.42 -2.67 22.52
CA ARG A 298 6.90 -4.04 22.61
C ARG A 298 5.40 -4.05 22.88
N PHE A 299 4.77 -5.20 22.68
CA PHE A 299 3.32 -5.27 22.73
C PHE A 299 2.86 -6.53 23.44
N ASP A 300 1.61 -6.48 23.91
CA ASP A 300 0.96 -7.62 24.55
C ASP A 300 0.24 -8.52 23.53
N ILE A 301 -0.31 -7.90 22.48
CA ILE A 301 -1.09 -8.64 21.48
C ILE A 301 -0.71 -8.07 20.12
N ILE A 302 -0.44 -8.96 19.16
CA ILE A 302 -0.18 -8.52 17.78
C ILE A 302 -1.12 -9.28 16.85
N VAL A 303 -1.79 -8.54 15.97
CA VAL A 303 -2.77 -9.16 15.08
C VAL A 303 -2.39 -8.82 13.64
N THR A 304 -2.72 -9.72 12.72
CA THR A 304 -2.49 -9.39 11.33
C THR A 304 -3.34 -10.23 10.39
N ASN A 305 -3.86 -9.56 9.37
CA ASN A 305 -4.40 -10.17 8.16
C ASN A 305 -3.41 -9.75 7.06
N PRO A 306 -2.36 -10.55 6.83
CA PRO A 306 -1.28 -10.05 5.95
C PRO A 306 -1.66 -9.92 4.49
N PRO A 307 -0.87 -9.16 3.73
CA PRO A 307 -1.06 -9.11 2.28
C PRO A 307 -0.76 -10.48 1.66
N PHE A 308 -1.33 -10.71 0.47
CA PHE A 308 -1.16 -12.00 -0.17
C PHE A 308 -1.18 -11.81 -1.68
N HIS A 309 -0.57 -12.74 -2.39
CA HIS A 309 -0.56 -12.68 -3.84
C HIS A 309 -1.84 -13.32 -4.33
N VAL A 310 -2.62 -12.54 -5.10
CA VAL A 310 -3.96 -12.92 -5.57
C VAL A 310 -4.22 -14.42 -5.60
N GLY A 311 -3.66 -15.09 -6.61
CA GLY A 311 -3.78 -16.54 -6.73
C GLY A 311 -2.48 -17.27 -6.44
N GLY A 312 -1.62 -16.62 -5.68
CA GLY A 312 -0.29 -17.13 -5.37
C GLY A 312 -0.30 -18.29 -4.40
N ALA A 313 0.77 -19.08 -4.45
CA ALA A 313 0.95 -20.21 -3.56
C ALA A 313 2.09 -19.94 -2.58
N VAL A 314 2.72 -18.77 -2.71
CA VAL A 314 3.90 -18.43 -1.92
C VAL A 314 3.56 -17.26 -1.02
N ILE A 315 4.14 -17.26 0.18
CA ILE A 315 3.96 -16.16 1.13
C ILE A 315 4.82 -14.96 0.71
N LEU A 316 4.21 -13.78 0.66
CA LEU A 316 4.94 -12.57 0.25
C LEU A 316 6.05 -12.24 1.25
N ASP A 317 7.13 -11.61 0.76
CA ASP A 317 8.20 -11.12 1.64
C ASP A 317 7.65 -10.26 2.79
N VAL A 318 6.71 -9.36 2.51
CA VAL A 318 6.13 -8.50 3.57
C VAL A 318 5.46 -9.35 4.63
N ALA A 319 4.69 -10.34 4.18
CA ALA A 319 3.94 -11.21 5.10
C ALA A 319 4.89 -12.05 5.98
N GLN A 320 5.98 -12.52 5.40
CA GLN A 320 7.00 -13.23 6.18
C GLN A 320 7.62 -12.27 7.21
N ALA A 321 7.91 -11.04 6.80
CA ALA A 321 8.41 -10.03 7.74
C ALA A 321 7.44 -9.75 8.88
N PHE A 322 6.14 -9.77 8.60
CA PHE A 322 5.13 -9.56 9.63
C PHE A 322 5.31 -10.59 10.74
N VAL A 323 5.52 -11.85 10.35
CA VAL A 323 5.68 -12.93 11.34
C VAL A 323 6.96 -12.70 12.15
N ASN A 324 8.06 -12.40 11.47
CA ASN A 324 9.35 -12.20 12.16
C ASN A 324 9.23 -11.01 13.12
N VAL A 325 8.58 -9.94 12.64
CA VAL A 325 8.42 -8.76 13.47
C VAL A 325 7.51 -9.05 14.68
N ALA A 326 6.41 -9.79 14.46
CA ALA A 326 5.51 -10.12 15.55
C ALA A 326 6.24 -10.84 16.68
N ALA A 327 7.06 -11.82 16.32
CA ALA A 327 7.83 -12.56 17.31
C ALA A 327 8.77 -11.63 18.09
N ALA A 328 9.40 -10.72 17.37
CA ALA A 328 10.40 -9.82 17.95
C ALA A 328 9.79 -8.70 18.80
N ARG A 329 8.55 -8.33 18.50
CA ARG A 329 7.92 -7.17 19.14
C ARG A 329 7.03 -7.55 20.31
N LEU A 330 6.79 -8.85 20.49
CA LEU A 330 5.97 -9.32 21.63
C LEU A 330 6.76 -9.44 22.92
N ARG A 331 6.17 -8.95 24.01
CA ARG A 331 6.72 -9.18 25.35
C ARG A 331 6.50 -10.64 25.73
N PRO A 332 7.34 -11.18 26.64
CA PRO A 332 7.05 -12.52 27.13
C PRO A 332 5.61 -12.65 27.61
N GLY A 333 4.95 -13.75 27.25
CA GLY A 333 3.53 -13.95 27.55
C GLY A 333 2.61 -13.32 26.52
N GLY A 334 3.18 -12.52 25.63
CA GLY A 334 2.39 -11.89 24.56
C GLY A 334 1.86 -12.88 23.54
N VAL A 335 0.81 -12.50 22.83
CA VAL A 335 0.16 -13.41 21.88
C VAL A 335 0.04 -12.83 20.48
N PHE A 336 0.03 -13.73 19.50
CA PHE A 336 0.00 -13.37 18.08
C PHE A 336 -1.15 -14.09 17.40
N PHE A 337 -1.94 -13.34 16.62
CA PHE A 337 -3.03 -13.91 15.82
C PHE A 337 -2.81 -13.54 14.36
N LEU A 338 -2.87 -14.53 13.48
CA LEU A 338 -2.70 -14.30 12.03
C LEU A 338 -3.79 -15.02 11.27
N VAL A 339 -4.35 -14.38 10.25
CA VAL A 339 -5.38 -15.05 9.44
C VAL A 339 -4.95 -15.09 7.98
N SER A 340 -5.18 -16.24 7.33
CA SER A 340 -4.82 -16.37 5.93
C SER A 340 -5.65 -17.41 5.19
N ASN A 341 -5.44 -17.49 3.89
CA ASN A 341 -5.97 -18.58 3.09
C ASN A 341 -5.50 -19.91 3.71
N PRO A 342 -6.37 -20.94 3.74
CA PRO A 342 -6.01 -22.20 4.39
C PRO A 342 -4.73 -22.90 3.89
N PHE A 343 -4.30 -22.63 2.66
CA PHE A 343 -3.18 -23.38 2.09
C PHE A 343 -1.87 -22.58 1.98
N LEU A 344 -1.81 -21.41 2.61
CA LEU A 344 -0.53 -20.70 2.71
C LEU A 344 0.29 -21.26 3.88
N LYS A 345 1.57 -21.48 3.62
CA LYS A 345 2.40 -22.27 4.52
C LYS A 345 2.97 -21.46 5.70
N TYR A 346 2.09 -20.87 6.50
CA TYR A 346 2.52 -20.07 7.67
C TYR A 346 2.98 -20.92 8.84
N GLU A 347 2.47 -22.16 8.91
CA GLU A 347 2.76 -23.05 10.03
C GLU A 347 4.25 -23.18 10.31
N PRO A 348 5.06 -23.56 9.30
CA PRO A 348 6.50 -23.66 9.58
C PRO A 348 7.14 -22.36 10.04
N LEU A 349 6.68 -21.22 9.55
CA LEU A 349 7.20 -19.91 9.95
C LEU A 349 6.93 -19.61 11.42
N LEU A 350 5.71 -19.91 11.88
CA LEU A 350 5.36 -19.67 13.27
C LEU A 350 6.12 -20.63 14.20
N GLU A 351 6.27 -21.87 13.77
CA GLU A 351 7.04 -22.87 14.52
C GLU A 351 8.49 -22.41 14.70
N GLU A 352 9.09 -21.90 13.62
CA GLU A 352 10.47 -21.45 13.67
C GLU A 352 10.64 -20.23 14.58
N LYS A 353 9.68 -19.30 14.53
CA LYS A 353 9.84 -18.03 15.24
C LYS A 353 9.32 -18.01 16.68
N PHE A 354 8.33 -18.86 16.97
CA PHE A 354 7.70 -18.91 18.30
C PHE A 354 7.98 -20.22 19.03
N GLY A 355 8.30 -21.27 18.27
CA GLY A 355 8.56 -22.59 18.82
C GLY A 355 7.36 -23.53 18.77
N ALA A 356 6.16 -22.94 18.69
CA ALA A 356 4.91 -23.68 18.63
C ALA A 356 3.81 -22.77 18.09
N PHE A 357 2.70 -23.37 17.68
CA PHE A 357 1.53 -22.61 17.23
C PHE A 357 0.26 -23.44 17.41
N GLN A 358 -0.89 -22.78 17.35
CA GLN A 358 -2.18 -23.45 17.39
C GLN A 358 -3.02 -22.96 16.22
N THR A 359 -3.95 -23.79 15.76
CA THR A 359 -4.90 -23.44 14.73
C THR A 359 -6.25 -23.27 15.39
N LEU A 360 -6.69 -22.01 15.47
CA LEU A 360 -7.93 -21.70 16.19
C LEU A 360 -9.17 -21.84 15.32
N LYS A 361 -9.00 -21.64 14.01
CA LYS A 361 -10.09 -21.75 13.05
C LYS A 361 -9.52 -22.28 11.75
N VAL A 362 -10.25 -23.16 11.08
CA VAL A 362 -9.96 -23.45 9.67
C VAL A 362 -11.22 -23.80 8.87
N ALA A 363 -11.63 -22.85 8.04
CA ALA A 363 -12.72 -23.06 7.11
C ALA A 363 -12.41 -22.27 5.83
N GLU A 364 -13.10 -21.17 5.59
CA GLU A 364 -12.80 -20.38 4.40
C GLU A 364 -11.40 -19.78 4.55
N TYR A 365 -11.06 -19.48 5.80
CA TYR A 365 -9.71 -19.01 6.16
C TYR A 365 -9.23 -19.76 7.38
N LYS A 366 -7.94 -19.66 7.66
CA LYS A 366 -7.40 -20.19 8.90
C LYS A 366 -6.86 -19.08 9.80
N VAL A 367 -7.12 -19.23 11.09
CA VAL A 367 -6.56 -18.35 12.11
C VAL A 367 -5.53 -19.14 12.89
N LEU A 368 -4.29 -18.68 12.80
CA LEU A 368 -3.21 -19.26 13.55
C LEU A 368 -2.89 -18.39 14.76
N PHE A 369 -2.35 -19.04 15.80
CA PHE A 369 -2.07 -18.39 17.08
C PHE A 369 -0.71 -18.84 17.58
N ALA A 370 0.00 -17.92 18.21
CA ALA A 370 1.25 -18.27 18.89
C ALA A 370 1.44 -17.41 20.12
N GLU A 371 2.15 -17.96 21.11
CA GLU A 371 2.45 -17.24 22.33
C GLU A 371 3.97 -17.07 22.44
N LYS A 372 4.40 -15.86 22.78
CA LYS A 372 5.81 -15.58 23.01
C LYS A 372 6.28 -16.25 24.30
N ARG A 373 7.30 -17.09 24.18
CA ARG A 373 7.89 -17.78 25.34
C ARG A 373 8.95 -16.92 26.03
#